data_4GE5
#
_entry.id   4GE5
#
_cell.length_a   40.260
_cell.length_b   57.170
_cell.length_c   66.422
_cell.angle_alpha   77.55
_cell.angle_beta   78.23
_cell.angle_gamma   79.97
#
_symmetry.space_group_name_H-M   'P 1'
#
loop_
_entity.id
_entity.type
_entity.pdbx_description
1 polymer 'Tyrosine-protein phosphatase non-receptor type 9'
2 non-polymer N-(4-bromo-3-methylbenzoyl)-4-[difluoro(phosphono)methyl]-L-phenylalanyl-N~5~-(3-iodobenzoyl)-L-ornithinamide
3 water water
#
_entity_poly.entity_id   1
_entity_poly.type   'polypeptide(L)'
_entity_poly.pdbx_seq_one_letter_code
;MSVHVPGPHAMTIQELVDYVNARQKQGIYEEYEDIRRENPVGTFHCSMSPGNLEKNRYGDVPCLDQTRVKLTKRSGHTQT
DYINASFMDGYKQKNAYIGTQGPLENTYRDFWLMVWEQKVLVIVMTTRFEEGGRRKCGQYWPLEKDSRIRFGFLTVTNLG
VENMNHYKKTTLEIHNTEERQKRQVTHFQFLSWPDYGVPSSAASLIDFLRVVRNQQSLAVSNMGARSKGQCPEPPIVVHC
SAGIGRTGTFCSLDICLAQLEELGTLNVFQTVSRMRTQRAFSIQTPEQYYFCYKAILEFAEKEGMVSAHHHHHH
;
_entity_poly.pdbx_strand_id   A,B
#
loop_
_chem_comp.id
_chem_comp.type
_chem_comp.name
_chem_comp.formula
A89 peptide-like N-(4-bromo-3-methylbenzoyl)-4-[difluoro(phosphono)methyl]-L-phenylalanyl-N~5~-(3-iodobenzoyl)-L-ornithinamide 'C30 H31 Br F2 I N4 O7 P'
#
# COMPACT_ATOMS: atom_id res chain seq x y z
N SER A 2 9.80 -24.97 20.77
CA SER A 2 8.95 -23.93 20.12
C SER A 2 7.47 -24.24 20.26
N VAL A 3 6.66 -23.20 20.48
CA VAL A 3 5.22 -23.38 20.60
C VAL A 3 4.63 -23.58 19.20
N HIS A 4 5.41 -23.23 18.18
CA HIS A 4 4.93 -23.37 16.81
C HIS A 4 5.36 -24.68 16.18
N VAL A 5 4.54 -25.70 16.39
CA VAL A 5 4.79 -27.04 15.85
C VAL A 5 3.64 -27.33 14.90
N PRO A 6 3.87 -28.20 13.91
CA PRO A 6 2.78 -28.51 12.96
C PRO A 6 1.67 -29.30 13.64
N GLY A 7 0.47 -28.75 13.65
CA GLY A 7 -0.65 -29.43 14.27
C GLY A 7 -0.65 -29.27 15.77
N PRO A 8 -1.57 -29.92 16.49
CA PRO A 8 -2.62 -30.80 15.95
C PRO A 8 -3.62 -30.06 15.07
N HIS A 9 -4.25 -30.78 14.14
CA HIS A 9 -5.24 -30.21 13.25
C HIS A 9 -4.74 -29.23 12.17
N ALA A 10 -3.58 -29.49 11.60
CA ALA A 10 -3.06 -28.62 10.56
C ALA A 10 -4.06 -28.67 9.39
N MET A 11 -4.07 -27.62 8.56
CA MET A 11 -5.00 -27.56 7.45
C MET A 11 -4.31 -27.43 6.09
N THR A 12 -4.86 -28.10 5.08
CA THR A 12 -4.30 -28.02 3.74
C THR A 12 -4.94 -26.84 3.02
N ILE A 13 -4.38 -26.46 1.89
CA ILE A 13 -4.91 -25.35 1.11
C ILE A 13 -6.35 -25.63 0.69
N GLN A 14 -6.63 -26.87 0.30
CA GLN A 14 -7.98 -27.24 -0.10
C GLN A 14 -8.90 -27.01 1.09
N GLU A 15 -8.51 -27.54 2.25
CA GLU A 15 -9.29 -27.40 3.47
C GLU A 15 -9.39 -25.96 3.91
N LEU A 16 -8.35 -25.17 3.62
CA LEU A 16 -8.33 -23.76 4.00
C LEU A 16 -9.38 -23.01 3.17
N VAL A 17 -9.48 -23.38 1.89
CA VAL A 17 -10.44 -22.73 1.01
C VAL A 17 -11.86 -22.90 1.56
N ASP A 18 -12.20 -24.14 1.90
CA ASP A 18 -13.52 -24.44 2.43
C ASP A 18 -13.78 -23.74 3.76
N TYR A 19 -12.77 -23.77 4.63
CA TYR A 19 -12.86 -23.14 5.94
C TYR A 19 -13.23 -21.67 5.80
N VAL A 20 -12.58 -20.99 4.86
CA VAL A 20 -12.83 -19.58 4.62
C VAL A 20 -14.16 -19.35 3.91
N ASN A 21 -14.49 -20.22 2.96
CA ASN A 21 -15.76 -20.09 2.25
C ASN A 21 -16.90 -20.23 3.25
N ALA A 22 -16.84 -21.29 4.05
CA ALA A 22 -17.86 -21.58 5.04
C ALA A 22 -18.01 -20.49 6.10
N ARG A 23 -16.99 -19.65 6.24
CA ARG A 23 -17.05 -18.58 7.24
C ARG A 23 -17.23 -17.18 6.67
N GLN A 24 -16.58 -16.90 5.55
CA GLN A 24 -16.67 -15.59 4.91
C GLN A 24 -15.90 -14.56 5.75
N LYS A 25 -15.91 -13.32 5.28
CA LYS A 25 -15.22 -12.22 5.96
C LYS A 25 -15.75 -12.00 7.36
N GLN A 26 -17.06 -11.89 7.50
CA GLN A 26 -17.65 -11.66 8.82
C GLN A 26 -17.34 -12.82 9.76
N GLY A 27 -17.30 -14.03 9.21
CA GLY A 27 -16.99 -15.19 10.04
C GLY A 27 -15.60 -15.07 10.63
N ILE A 28 -14.61 -14.87 9.77
CA ILE A 28 -13.23 -14.74 10.21
C ILE A 28 -13.09 -13.58 11.20
N TYR A 29 -13.86 -12.52 10.97
CA TYR A 29 -13.83 -11.36 11.86
C TYR A 29 -14.27 -11.75 13.27
N GLU A 30 -15.27 -12.62 13.34
CA GLU A 30 -15.79 -13.08 14.62
C GLU A 30 -14.75 -13.99 15.28
N GLU A 31 -14.09 -14.81 14.48
CA GLU A 31 -13.07 -15.70 14.98
C GLU A 31 -11.96 -14.88 15.65
N TYR A 32 -11.66 -13.71 15.08
CA TYR A 32 -10.64 -12.85 15.65
C TYR A 32 -11.13 -12.32 16.99
N GLU A 33 -12.40 -11.94 17.06
CA GLU A 33 -12.94 -11.43 18.32
C GLU A 33 -12.94 -12.51 19.40
N ASP A 34 -13.10 -13.78 19.01
CA ASP A 34 -13.08 -14.86 20.00
C ASP A 34 -11.69 -14.96 20.61
N ILE A 35 -10.67 -14.75 19.78
CA ILE A 35 -9.30 -14.80 20.26
C ILE A 35 -9.02 -13.61 21.16
N ARG A 36 -9.45 -12.44 20.71
CA ARG A 36 -9.24 -11.21 21.44
C ARG A 36 -9.94 -11.26 22.80
N ARG A 37 -11.00 -12.06 22.88
CA ARG A 37 -11.75 -12.19 24.12
C ARG A 37 -10.99 -13.04 25.14
N GLU A 38 -10.15 -13.95 24.65
CA GLU A 38 -9.36 -14.81 25.51
C GLU A 38 -8.51 -13.97 26.47
N ASN A 39 -8.45 -14.40 27.73
CA ASN A 39 -7.66 -13.69 28.72
C ASN A 39 -6.18 -13.98 28.45
N PRO A 40 -5.36 -12.93 28.32
CA PRO A 40 -3.93 -13.14 28.05
C PRO A 40 -3.34 -14.16 29.01
N VAL A 41 -2.39 -14.95 28.52
CA VAL A 41 -1.75 -15.94 29.35
C VAL A 41 -0.41 -15.38 29.82
N GLY A 42 -0.38 -14.92 31.07
CA GLY A 42 0.83 -14.34 31.63
C GLY A 42 0.49 -13.07 32.40
N THR A 43 1.53 -12.36 32.83
CA THR A 43 1.35 -11.12 33.59
C THR A 43 2.15 -9.98 32.97
N PHE A 44 1.82 -8.76 33.38
CA PHE A 44 2.48 -7.57 32.87
C PHE A 44 3.01 -6.64 33.98
N HIS A 45 3.45 -7.23 35.09
CA HIS A 45 3.94 -6.45 36.23
C HIS A 45 5.20 -5.63 35.97
N CYS A 46 6.18 -6.23 35.30
CA CYS A 46 7.42 -5.52 35.03
C CYS A 46 7.19 -4.31 34.14
N SER A 47 6.47 -4.51 33.05
CA SER A 47 6.18 -3.44 32.10
C SER A 47 5.45 -2.25 32.73
N MET A 48 4.62 -2.50 33.74
CA MET A 48 3.88 -1.42 34.39
C MET A 48 4.49 -0.91 35.69
N SER A 49 5.63 -1.46 36.10
CA SER A 49 6.27 -1.05 37.34
C SER A 49 6.97 0.32 37.23
N PRO A 50 7.37 0.90 38.37
CA PRO A 50 8.04 2.20 38.41
C PRO A 50 9.34 2.22 37.62
N GLY A 51 9.54 3.29 36.85
CA GLY A 51 10.76 3.40 36.07
C GLY A 51 10.68 2.77 34.69
N ASN A 52 9.71 1.89 34.47
CA ASN A 52 9.58 1.25 33.16
C ASN A 52 8.40 1.80 32.38
N LEU A 53 7.52 2.52 33.07
CA LEU A 53 6.35 3.09 32.42
C LEU A 53 6.74 4.07 31.31
N GLU A 54 7.74 4.90 31.57
CA GLU A 54 8.23 5.87 30.61
C GLU A 54 8.88 5.19 29.40
N LYS A 55 9.17 3.91 29.52
CA LYS A 55 9.82 3.17 28.44
C LYS A 55 8.83 2.52 27.47
N ASN A 56 7.54 2.66 27.74
CA ASN A 56 6.51 2.10 26.88
C ASN A 56 5.90 3.19 26.00
N ARG A 57 5.81 2.95 24.70
CA ARG A 57 5.24 3.94 23.81
C ARG A 57 3.74 4.10 24.07
N TYR A 58 3.11 3.00 24.44
CA TYR A 58 1.66 3.01 24.71
C TYR A 58 1.34 2.36 26.05
N GLY A 59 0.68 3.12 26.92
CA GLY A 59 0.33 2.59 28.22
C GLY A 59 -0.57 1.36 28.15
N ASP A 60 -1.23 1.17 27.01
CA ASP A 60 -2.12 0.03 26.86
C ASP A 60 -1.51 -1.13 26.08
N VAL A 61 -0.20 -1.10 25.91
CA VAL A 61 0.47 -2.18 25.20
C VAL A 61 1.74 -2.58 25.97
N PRO A 62 1.59 -3.26 27.09
CA PRO A 62 2.74 -3.70 27.90
C PRO A 62 3.20 -5.04 27.33
N CYS A 63 4.36 -5.52 27.77
CA CYS A 63 4.81 -6.81 27.28
C CYS A 63 4.78 -7.81 28.43
N LEU A 64 4.65 -9.10 28.09
CA LEU A 64 4.57 -10.17 29.08
C LEU A 64 5.85 -10.36 29.88
N ASP A 65 5.71 -10.58 31.18
CA ASP A 65 6.86 -10.80 32.06
C ASP A 65 7.59 -12.06 31.64
N GLN A 66 6.82 -13.11 31.37
CA GLN A 66 7.35 -14.41 30.98
C GLN A 66 8.26 -14.44 29.77
N THR A 67 8.07 -13.53 28.82
CA THR A 67 8.90 -13.55 27.62
C THR A 67 9.65 -12.29 27.29
N ARG A 68 9.65 -11.31 28.19
CA ARG A 68 10.34 -10.07 27.89
C ARG A 68 11.84 -10.27 27.72
N VAL A 69 12.45 -9.41 26.89
CA VAL A 69 13.88 -9.48 26.67
C VAL A 69 14.51 -8.65 27.79
N LYS A 70 15.40 -9.25 28.57
CA LYS A 70 16.04 -8.55 29.67
C LYS A 70 17.35 -7.96 29.19
N LEU A 71 17.66 -6.75 29.62
CA LEU A 71 18.92 -6.12 29.26
C LEU A 71 19.88 -6.40 30.41
N THR A 72 21.08 -6.87 30.08
CA THR A 72 22.06 -7.16 31.12
C THR A 72 22.67 -5.84 31.55
N LYS A 73 21.89 -5.08 32.32
CA LYS A 73 22.29 -3.77 32.82
C LYS A 73 23.28 -3.87 33.96
N ARG A 74 23.43 -2.79 34.69
CA ARG A 74 24.34 -2.74 35.82
C ARG A 74 23.74 -1.97 37.00
N SER A 75 24.40 -2.07 38.15
CA SER A 75 23.95 -1.43 39.38
C SER A 75 23.68 0.07 39.36
N GLY A 76 23.69 0.67 40.54
CA GLY A 76 23.44 2.09 40.72
C GLY A 76 23.82 3.06 39.62
N HIS A 77 22.99 3.15 38.59
CA HIS A 77 23.25 4.06 37.48
C HIS A 77 21.94 4.54 36.84
N THR A 78 20.90 4.67 37.67
CA THR A 78 19.59 5.11 37.18
C THR A 78 19.24 4.39 35.88
N GLN A 79 18.78 3.15 36.00
CA GLN A 79 18.42 2.35 34.83
C GLN A 79 17.86 1.00 35.25
N THR A 80 17.04 0.41 34.40
CA THR A 80 16.47 -0.90 34.67
C THR A 80 16.92 -1.85 33.56
N ASP A 81 16.48 -3.10 33.64
CA ASP A 81 16.83 -4.11 32.64
C ASP A 81 15.68 -4.24 31.66
N TYR A 82 14.76 -3.29 31.71
CA TYR A 82 13.55 -3.34 30.90
C TYR A 82 13.52 -2.66 29.53
N ILE A 83 12.91 -3.36 28.58
CA ILE A 83 12.69 -2.84 27.23
C ILE A 83 11.41 -3.54 26.78
N ASN A 84 10.49 -2.79 26.19
CA ASN A 84 9.25 -3.39 25.73
C ASN A 84 9.59 -4.20 24.48
N ALA A 85 9.96 -5.46 24.69
CA ALA A 85 10.35 -6.37 23.61
C ALA A 85 10.11 -7.79 24.10
N SER A 86 9.62 -8.64 23.20
CA SER A 86 9.32 -10.02 23.55
C SER A 86 9.98 -11.03 22.63
N PHE A 87 10.46 -12.13 23.22
CA PHE A 87 11.06 -13.21 22.45
C PHE A 87 9.87 -13.94 21.85
N MET A 88 9.95 -14.28 20.57
CA MET A 88 8.85 -14.98 19.90
C MET A 88 9.39 -16.17 19.14
N ASP A 89 8.74 -17.32 19.29
CA ASP A 89 9.20 -18.50 18.58
C ASP A 89 8.78 -18.42 17.11
N GLY A 90 9.44 -19.22 16.29
CA GLY A 90 9.13 -19.28 14.87
C GLY A 90 8.80 -20.74 14.60
N TYR A 91 8.47 -21.08 13.36
CA TYR A 91 8.12 -22.45 13.04
C TYR A 91 9.24 -23.41 13.45
N LYS A 92 8.96 -24.23 14.45
CA LYS A 92 9.94 -25.21 14.95
C LYS A 92 11.26 -24.56 15.30
N GLN A 93 11.21 -23.32 15.78
CA GLN A 93 12.43 -22.60 16.13
C GLN A 93 12.18 -21.68 17.33
N LYS A 94 12.93 -21.88 18.40
CA LYS A 94 12.79 -21.04 19.58
C LYS A 94 13.45 -19.69 19.37
N ASN A 95 12.78 -18.63 19.84
CA ASN A 95 13.30 -17.27 19.72
C ASN A 95 13.72 -16.86 18.31
N ALA A 96 12.88 -17.14 17.32
CA ALA A 96 13.19 -16.77 15.94
C ALA A 96 13.13 -15.27 15.76
N TYR A 97 12.28 -14.62 16.55
CA TYR A 97 12.13 -13.16 16.46
C TYR A 97 12.04 -12.49 17.82
N ILE A 98 12.21 -11.18 17.79
CA ILE A 98 12.04 -10.34 18.96
C ILE A 98 11.07 -9.29 18.45
N GLY A 99 9.86 -9.30 18.99
CA GLY A 99 8.85 -8.33 18.59
C GLY A 99 8.93 -7.18 19.57
N THR A 100 9.06 -5.97 19.06
CA THR A 100 9.17 -4.81 19.94
C THR A 100 8.49 -3.57 19.34
N GLN A 101 8.31 -2.55 20.18
CA GLN A 101 7.68 -1.30 19.76
C GLN A 101 8.68 -0.43 18.99
N GLY A 102 8.19 0.61 18.34
CA GLY A 102 9.08 1.52 17.64
C GLY A 102 9.85 2.27 18.72
N PRO A 103 11.19 2.25 18.68
CA PRO A 103 12.00 2.94 19.70
C PRO A 103 11.62 4.39 20.01
N LEU A 104 11.72 4.75 21.29
CA LEU A 104 11.45 6.11 21.76
C LEU A 104 12.81 6.75 21.98
N GLU A 105 12.88 8.07 21.94
CA GLU A 105 14.15 8.75 22.15
C GLU A 105 14.84 8.27 23.43
N ASN A 106 14.06 8.06 24.48
CA ASN A 106 14.61 7.62 25.76
C ASN A 106 14.92 6.13 25.84
N THR A 107 14.71 5.41 24.73
CA THR A 107 15.03 3.99 24.72
C THR A 107 15.89 3.60 23.51
N TYR A 108 16.41 4.57 22.78
CA TYR A 108 17.25 4.24 21.61
C TYR A 108 18.44 3.41 22.08
N ARG A 109 19.05 3.85 23.18
CA ARG A 109 20.21 3.14 23.73
C ARG A 109 19.83 1.73 24.16
N ASP A 110 18.65 1.58 24.74
CA ASP A 110 18.17 0.28 25.18
C ASP A 110 17.97 -0.64 23.97
N PHE A 111 17.42 -0.09 22.90
CA PHE A 111 17.17 -0.86 21.68
C PHE A 111 18.48 -1.40 21.10
N TRP A 112 19.48 -0.53 20.98
CA TRP A 112 20.76 -0.98 20.42
C TRP A 112 21.51 -1.92 21.35
N LEU A 113 21.38 -1.74 22.65
CA LEU A 113 22.03 -2.63 23.61
C LEU A 113 21.44 -4.03 23.42
N MET A 114 20.12 -4.08 23.24
CA MET A 114 19.45 -5.36 23.04
C MET A 114 19.93 -5.98 21.74
N VAL A 115 20.01 -5.18 20.68
CA VAL A 115 20.50 -5.69 19.41
C VAL A 115 21.89 -6.29 19.59
N TRP A 116 22.73 -5.61 20.37
CA TRP A 116 24.08 -6.11 20.57
C TRP A 116 24.12 -7.40 21.38
N GLU A 117 23.55 -7.35 22.58
CA GLU A 117 23.54 -8.51 23.48
C GLU A 117 22.88 -9.75 22.89
N GLN A 118 21.84 -9.57 22.08
CA GLN A 118 21.17 -10.70 21.47
C GLN A 118 21.80 -11.13 20.15
N LYS A 119 22.88 -10.46 19.77
CA LYS A 119 23.60 -10.78 18.54
C LYS A 119 22.75 -10.72 17.27
N VAL A 120 21.82 -9.78 17.26
CA VAL A 120 20.91 -9.56 16.13
C VAL A 120 21.65 -9.14 14.86
N LEU A 121 21.29 -9.74 13.73
CA LEU A 121 21.91 -9.44 12.45
C LEU A 121 20.94 -8.74 11.50
N VAL A 122 19.64 -8.93 11.71
CA VAL A 122 18.63 -8.34 10.85
C VAL A 122 17.52 -7.68 11.65
N ILE A 123 17.16 -6.46 11.23
CA ILE A 123 16.10 -5.68 11.84
C ILE A 123 15.06 -5.40 10.76
N VAL A 124 13.79 -5.64 11.09
CA VAL A 124 12.69 -5.41 10.16
C VAL A 124 11.75 -4.36 10.72
N MET A 125 11.64 -3.24 10.01
CA MET A 125 10.77 -2.13 10.42
C MET A 125 9.62 -2.07 9.42
N THR A 126 8.38 -2.14 9.93
CA THR A 126 7.21 -2.14 9.06
C THR A 126 6.35 -0.87 9.08
N THR A 127 6.93 0.25 9.47
CA THR A 127 6.21 1.51 9.50
C THR A 127 7.14 2.65 9.11
N ARG A 128 6.57 3.84 8.99
CA ARG A 128 7.35 5.05 8.71
C ARG A 128 7.37 5.71 10.07
N PHE A 129 8.08 6.82 10.23
CA PHE A 129 8.16 7.47 11.53
C PHE A 129 6.83 8.06 11.97
N GLU A 130 6.05 8.51 10.98
CA GLU A 130 4.77 9.12 11.24
C GLU A 130 3.80 8.70 10.14
N GLU A 131 2.53 8.54 10.49
CA GLU A 131 1.51 8.15 9.54
C GLU A 131 0.18 8.74 9.99
N GLY A 132 -0.45 9.51 9.11
CA GLY A 132 -1.72 10.13 9.45
C GLY A 132 -1.65 11.04 10.66
N GLY A 133 -0.46 11.60 10.92
CA GLY A 133 -0.31 12.48 12.07
C GLY A 133 0.04 11.73 13.34
N ARG A 134 -0.03 10.40 13.28
CA ARG A 134 0.28 9.58 14.44
C ARG A 134 1.75 9.19 14.44
N ARG A 135 2.46 9.54 15.51
CA ARG A 135 3.87 9.18 15.60
C ARG A 135 3.92 7.68 15.83
N LYS A 136 4.87 7.02 15.18
CA LYS A 136 4.97 5.58 15.31
C LYS A 136 6.35 5.06 15.66
N CYS A 137 7.39 5.80 15.31
CA CYS A 137 8.75 5.36 15.59
C CYS A 137 9.74 6.52 15.56
N GLY A 138 10.72 6.49 16.46
CA GLY A 138 11.71 7.54 16.48
C GLY A 138 12.83 7.24 15.49
N GLN A 139 13.57 8.28 15.09
CA GLN A 139 14.67 8.09 14.14
C GLN A 139 15.83 7.54 14.98
N TYR A 140 15.85 6.22 15.15
CA TYR A 140 16.86 5.58 15.98
C TYR A 140 18.13 5.14 15.26
N TRP A 141 18.20 5.38 13.95
CA TRP A 141 19.40 4.97 13.20
C TRP A 141 19.85 6.04 12.20
N PRO A 142 21.17 6.16 11.95
CA PRO A 142 21.69 7.15 10.99
C PRO A 142 21.10 6.88 9.61
N LEU A 143 20.33 7.84 9.11
CA LEU A 143 19.64 7.75 7.83
C LEU A 143 20.48 7.72 6.56
N GLU A 144 21.49 8.57 6.47
CA GLU A 144 22.30 8.61 5.26
C GLU A 144 23.69 8.01 5.38
N LYS A 145 24.20 7.53 4.25
CA LYS A 145 25.52 6.92 4.18
C LYS A 145 26.57 7.77 4.86
N ASP A 146 27.41 7.12 5.67
CA ASP A 146 28.50 7.78 6.38
C ASP A 146 28.12 8.45 7.70
N SER A 147 26.85 8.79 7.88
CA SER A 147 26.43 9.42 9.12
C SER A 147 26.45 8.38 10.24
N ARG A 148 26.71 8.81 11.46
CA ARG A 148 26.76 7.89 12.58
C ARG A 148 26.09 8.51 13.80
N ILE A 149 25.66 7.65 14.70
CA ILE A 149 25.04 8.11 15.93
C ILE A 149 25.72 7.39 17.08
N ARG A 150 25.87 8.07 18.21
CA ARG A 150 26.49 7.46 19.37
C ARG A 150 25.48 7.25 20.47
N PHE A 151 25.53 6.07 21.06
CA PHE A 151 24.64 5.69 22.15
C PHE A 151 25.57 5.13 23.22
N GLY A 152 26.13 6.02 24.04
CA GLY A 152 27.04 5.56 25.08
C GLY A 152 28.25 4.87 24.48
N PHE A 153 28.50 3.63 24.88
CA PHE A 153 29.63 2.88 24.37
C PHE A 153 29.35 2.15 23.06
N LEU A 154 28.23 2.47 22.43
CA LEU A 154 27.85 1.86 21.16
C LEU A 154 27.73 2.93 20.08
N THR A 155 28.38 2.70 18.95
CA THR A 155 28.31 3.63 17.84
C THR A 155 27.66 2.91 16.67
N VAL A 156 26.79 3.60 15.94
CA VAL A 156 26.11 3.01 14.80
C VAL A 156 26.38 3.87 13.56
N THR A 157 26.92 3.25 12.51
CA THR A 157 27.24 3.96 11.29
C THR A 157 26.56 3.34 10.06
N ASN A 158 26.08 4.20 9.17
CA ASN A 158 25.40 3.80 7.95
C ASN A 158 26.45 3.52 6.86
N LEU A 159 26.51 2.28 6.38
CA LEU A 159 27.48 1.92 5.35
C LEU A 159 26.90 1.97 3.94
N GLY A 160 25.62 2.31 3.83
CA GLY A 160 25.00 2.37 2.52
C GLY A 160 23.51 2.12 2.57
N VAL A 161 22.78 2.74 1.64
CA VAL A 161 21.33 2.61 1.57
C VAL A 161 20.89 2.28 0.15
N GLU A 162 19.91 1.39 0.05
CA GLU A 162 19.38 1.02 -1.25
C GLU A 162 17.86 1.03 -1.21
N ASN A 163 17.26 1.80 -2.12
CA ASN A 163 15.81 1.92 -2.20
C ASN A 163 15.21 0.95 -3.21
N MET A 164 14.30 0.09 -2.74
CA MET A 164 13.63 -0.85 -3.62
C MET A 164 12.19 -0.36 -3.83
N ASN A 165 11.41 -1.08 -4.64
CA ASN A 165 10.05 -0.62 -4.88
C ASN A 165 9.14 -0.69 -3.65
N HIS A 166 9.30 -1.73 -2.83
CA HIS A 166 8.45 -1.88 -1.67
C HIS A 166 9.17 -1.85 -0.34
N TYR A 167 10.49 -1.69 -0.38
CA TYR A 167 11.25 -1.64 0.84
C TYR A 167 12.58 -0.93 0.64
N LYS A 168 13.21 -0.57 1.76
CA LYS A 168 14.49 0.10 1.74
C LYS A 168 15.43 -0.78 2.55
N LYS A 169 16.66 -0.92 2.07
CA LYS A 169 17.66 -1.73 2.76
C LYS A 169 18.83 -0.84 3.16
N THR A 170 19.18 -0.89 4.45
CA THR A 170 20.29 -0.09 4.95
C THR A 170 21.27 -1.01 5.66
N THR A 171 22.56 -0.82 5.40
CA THR A 171 23.58 -1.63 6.05
C THR A 171 24.19 -0.79 7.15
N LEU A 172 24.18 -1.32 8.36
CA LEU A 172 24.70 -0.60 9.51
C LEU A 172 25.83 -1.36 10.19
N GLU A 173 26.78 -0.60 10.73
CA GLU A 173 27.88 -1.18 11.47
C GLU A 173 27.74 -0.71 12.90
N ILE A 174 27.72 -1.65 13.83
CA ILE A 174 27.62 -1.31 15.23
C ILE A 174 28.98 -1.55 15.87
N HIS A 175 29.52 -0.50 16.47
CA HIS A 175 30.83 -0.59 17.13
C HIS A 175 30.68 -0.50 18.64
N ASN A 176 30.93 -1.62 19.31
CA ASN A 176 30.86 -1.66 20.76
C ASN A 176 32.27 -1.29 21.23
N THR A 177 32.46 -0.03 21.63
CA THR A 177 33.75 0.46 22.08
C THR A 177 34.19 -0.08 23.42
N GLU A 178 33.26 -0.64 24.18
CA GLU A 178 33.56 -1.19 25.50
C GLU A 178 34.18 -2.57 25.35
N GLU A 179 33.79 -3.28 24.30
CA GLU A 179 34.30 -4.62 24.04
C GLU A 179 35.20 -4.65 22.80
N ARG A 180 35.41 -3.49 22.19
CA ARG A 180 36.24 -3.37 21.00
C ARG A 180 35.88 -4.38 19.93
N GLN A 181 34.61 -4.38 19.52
CA GLN A 181 34.12 -5.31 18.50
C GLN A 181 33.14 -4.60 17.57
N LYS A 182 33.11 -5.04 16.31
CA LYS A 182 32.21 -4.45 15.34
C LYS A 182 31.36 -5.55 14.71
N ARG A 183 30.17 -5.15 14.26
CA ARG A 183 29.26 -6.08 13.62
C ARG A 183 28.42 -5.34 12.60
N GLN A 184 28.09 -6.02 11.52
CA GLN A 184 27.25 -5.43 10.51
C GLN A 184 25.84 -5.96 10.72
N VAL A 185 24.90 -5.04 10.69
CA VAL A 185 23.49 -5.38 10.86
C VAL A 185 22.79 -4.84 9.61
N THR A 186 21.78 -5.56 9.14
CA THR A 186 21.04 -5.11 7.98
C THR A 186 19.68 -4.64 8.46
N HIS A 187 19.31 -3.45 8.02
CA HIS A 187 18.05 -2.86 8.41
C HIS A 187 17.16 -2.72 7.19
N PHE A 188 15.98 -3.34 7.29
CA PHE A 188 14.97 -3.33 6.22
C PHE A 188 13.74 -2.56 6.69
N GLN A 189 13.27 -1.63 5.87
CA GLN A 189 12.05 -0.90 6.20
C GLN A 189 11.04 -1.18 5.10
N PHE A 190 9.99 -1.91 5.43
CA PHE A 190 8.95 -2.20 4.45
C PHE A 190 8.22 -0.88 4.25
N LEU A 191 8.04 -0.50 3.00
CA LEU A 191 7.40 0.77 2.68
C LEU A 191 5.99 0.67 2.11
N SER A 192 5.53 -0.55 1.80
CA SER A 192 4.21 -0.70 1.21
C SER A 192 3.03 -1.06 2.11
N TRP A 193 3.10 -0.73 3.39
CA TRP A 193 1.95 -1.02 4.23
C TRP A 193 1.12 0.27 4.23
N PRO A 194 -0.14 0.19 3.77
CA PRO A 194 -1.02 1.35 3.71
C PRO A 194 -1.26 2.08 5.03
N ASP A 195 -1.49 3.38 4.93
CA ASP A 195 -1.78 4.21 6.11
C ASP A 195 -3.08 3.71 6.72
N TYR A 196 -4.00 3.27 5.86
CA TYR A 196 -5.29 2.77 6.30
C TYR A 196 -5.48 1.31 5.85
N GLY A 197 -6.07 0.50 6.71
CA GLY A 197 -6.32 -0.89 6.39
C GLY A 197 -5.10 -1.78 6.24
N VAL A 198 -5.22 -2.78 5.37
CA VAL A 198 -4.15 -3.74 5.12
C VAL A 198 -3.80 -3.73 3.63
N PRO A 199 -2.61 -4.24 3.28
CA PRO A 199 -2.24 -4.25 1.86
C PRO A 199 -3.35 -4.92 1.05
N SER A 200 -3.61 -4.40 -0.15
CA SER A 200 -4.65 -4.97 -1.02
C SER A 200 -4.16 -6.26 -1.66
N SER A 201 -2.84 -6.43 -1.68
CA SER A 201 -2.21 -7.63 -2.21
C SER A 201 -1.04 -7.98 -1.31
N ALA A 202 -0.88 -9.26 -1.01
CA ALA A 202 0.20 -9.70 -0.13
C ALA A 202 1.50 -9.98 -0.86
N ALA A 203 1.46 -9.95 -2.20
CA ALA A 203 2.63 -10.22 -3.02
C ALA A 203 3.89 -9.48 -2.56
N SER A 204 3.76 -8.17 -2.38
CA SER A 204 4.90 -7.37 -1.92
C SER A 204 5.44 -7.84 -0.56
N LEU A 205 4.54 -8.03 0.40
CA LEU A 205 4.94 -8.46 1.74
C LEU A 205 5.63 -9.83 1.77
N ILE A 206 5.12 -10.78 1.00
CA ILE A 206 5.73 -12.10 0.97
C ILE A 206 7.09 -12.08 0.28
N ASP A 207 7.20 -11.28 -0.78
CA ASP A 207 8.47 -11.17 -1.50
C ASP A 207 9.49 -10.57 -0.53
N PHE A 208 9.03 -9.59 0.24
CA PHE A 208 9.85 -8.91 1.23
C PHE A 208 10.28 -9.93 2.29
N LEU A 209 9.34 -10.82 2.64
CA LEU A 209 9.61 -11.85 3.63
C LEU A 209 10.75 -12.74 3.14
N ARG A 210 10.76 -13.02 1.84
CA ARG A 210 11.80 -13.85 1.26
C ARG A 210 13.15 -13.14 1.28
N VAL A 211 13.12 -11.83 1.06
CA VAL A 211 14.33 -11.01 1.08
C VAL A 211 14.92 -11.09 2.49
N VAL A 212 14.09 -10.85 3.50
CA VAL A 212 14.53 -10.90 4.89
C VAL A 212 15.08 -12.29 5.28
N ARG A 213 14.40 -13.34 4.86
CA ARG A 213 14.84 -14.70 5.17
C ARG A 213 16.22 -14.97 4.59
N ASN A 214 16.41 -14.61 3.32
CA ASN A 214 17.69 -14.82 2.66
C ASN A 214 18.81 -14.05 3.34
N GLN A 215 18.56 -12.79 3.69
CA GLN A 215 19.59 -11.99 4.35
C GLN A 215 19.95 -12.57 5.72
N GLN A 216 18.95 -13.03 6.47
CA GLN A 216 19.17 -13.64 7.77
C GLN A 216 20.05 -14.88 7.61
N SER A 217 19.66 -15.72 6.66
CA SER A 217 20.39 -16.94 6.37
C SER A 217 21.84 -16.65 6.02
N LEU A 218 22.04 -15.66 5.14
CA LEU A 218 23.39 -15.29 4.70
C LEU A 218 24.21 -14.67 5.84
N ALA A 219 23.57 -13.83 6.65
CA ALA A 219 24.27 -13.20 7.76
C ALA A 219 24.67 -14.24 8.80
N VAL A 220 23.75 -15.14 9.11
CA VAL A 220 24.01 -16.20 10.09
C VAL A 220 25.14 -17.09 9.59
N SER A 221 25.15 -17.35 8.29
CA SER A 221 26.17 -18.18 7.68
C SER A 221 27.55 -17.54 7.84
N ASN A 222 27.60 -16.23 7.67
CA ASN A 222 28.86 -15.50 7.77
C ASN A 222 29.27 -15.15 9.21
N MET A 223 28.35 -15.28 10.15
CA MET A 223 28.66 -14.96 11.54
C MET A 223 29.57 -16.03 12.14
N GLU A 233 20.47 -19.81 16.26
CA GLU A 233 20.52 -18.61 15.45
C GLU A 233 19.92 -17.42 16.20
N PRO A 234 20.48 -16.22 15.99
CA PRO A 234 20.00 -15.01 16.65
C PRO A 234 18.60 -14.65 16.15
N PRO A 235 17.81 -13.96 16.96
CA PRO A 235 16.47 -13.61 16.50
C PRO A 235 16.49 -12.43 15.53
N ILE A 236 15.42 -12.30 14.76
CA ILE A 236 15.29 -11.19 13.84
C ILE A 236 14.44 -10.19 14.62
N VAL A 237 14.89 -8.95 14.73
CA VAL A 237 14.08 -7.96 15.44
C VAL A 237 13.04 -7.46 14.46
N VAL A 238 11.77 -7.48 14.87
CA VAL A 238 10.71 -7.02 14.01
C VAL A 238 9.90 -6.01 14.78
N HIS A 239 9.74 -4.82 14.24
CA HIS A 239 8.96 -3.83 14.96
C HIS A 239 8.07 -2.97 14.09
N CYS A 240 7.06 -2.41 14.75
CA CYS A 240 6.10 -1.49 14.16
C CYS A 240 5.81 -0.59 15.36
N SER A 241 4.92 0.39 15.24
CA SER A 241 4.70 1.30 16.37
C SER A 241 4.53 0.62 17.74
N ALA A 242 3.54 -0.25 17.87
CA ALA A 242 3.32 -0.94 19.15
C ALA A 242 3.97 -2.32 19.22
N GLY A 243 4.42 -2.81 18.07
CA GLY A 243 5.04 -4.13 18.06
C GLY A 243 4.04 -5.27 18.16
N ILE A 244 2.79 -5.04 17.78
CA ILE A 244 1.81 -6.12 17.86
C ILE A 244 1.01 -6.36 16.58
N GLY A 245 0.61 -5.29 15.89
CA GLY A 245 -0.17 -5.43 14.68
C GLY A 245 0.59 -5.94 13.47
N ARG A 246 1.31 -5.04 12.80
CA ARG A 246 2.09 -5.43 11.63
C ARG A 246 3.13 -6.47 12.01
N THR A 247 3.73 -6.30 13.18
CA THR A 247 4.72 -7.24 13.67
C THR A 247 4.11 -8.63 13.74
N GLY A 248 2.98 -8.74 14.44
CA GLY A 248 2.32 -10.03 14.56
C GLY A 248 1.92 -10.61 13.22
N THR A 249 1.49 -9.75 12.30
CA THR A 249 1.08 -10.19 10.96
C THR A 249 2.27 -10.73 10.18
N PHE A 250 3.38 -10.01 10.23
CA PHE A 250 4.60 -10.42 9.55
C PHE A 250 5.07 -11.78 10.08
N CYS A 251 5.12 -11.91 11.39
CA CYS A 251 5.59 -13.16 11.99
C CYS A 251 4.65 -14.34 11.78
N SER A 252 3.34 -14.10 11.84
CA SER A 252 2.36 -15.16 11.64
C SER A 252 2.41 -15.70 10.21
N LEU A 253 2.59 -14.80 9.24
CA LEU A 253 2.67 -15.20 7.85
C LEU A 253 3.96 -16.00 7.62
N ASP A 254 5.04 -15.55 8.25
CA ASP A 254 6.32 -16.24 8.10
C ASP A 254 6.20 -17.69 8.59
N ILE A 255 5.55 -17.86 9.74
CA ILE A 255 5.35 -19.18 10.33
C ILE A 255 4.43 -20.08 9.51
N CYS A 256 3.30 -19.54 9.08
CA CYS A 256 2.36 -20.34 8.29
C CYS A 256 3.01 -20.76 6.96
N LEU A 257 3.62 -19.80 6.26
CA LEU A 257 4.29 -20.09 5.00
C LEU A 257 5.36 -21.15 5.19
N ALA A 258 6.09 -21.06 6.28
CA ALA A 258 7.14 -22.04 6.57
C ALA A 258 6.55 -23.43 6.68
N GLN A 259 5.48 -23.57 7.44
CA GLN A 259 4.85 -24.87 7.62
C GLN A 259 4.32 -25.36 6.29
N LEU A 260 3.70 -24.45 5.54
CA LEU A 260 3.15 -24.80 4.24
C LEU A 260 4.22 -25.32 3.27
N GLU A 261 5.42 -24.78 3.34
CA GLU A 261 6.50 -25.22 2.45
C GLU A 261 7.05 -26.59 2.86
N GLU A 262 7.06 -26.85 4.15
CA GLU A 262 7.58 -28.12 4.66
C GLU A 262 6.61 -29.29 4.68
N LEU A 263 5.37 -29.06 5.10
CA LEU A 263 4.40 -30.14 5.18
C LEU A 263 3.12 -29.92 4.38
N GLY A 264 3.02 -28.79 3.69
CA GLY A 264 1.84 -28.51 2.90
C GLY A 264 0.59 -28.24 3.71
N THR A 265 0.77 -27.89 4.99
CA THR A 265 -0.36 -27.60 5.86
C THR A 265 -0.09 -26.35 6.71
N LEU A 266 -1.13 -25.85 7.37
CA LEU A 266 -1.01 -24.67 8.22
C LEU A 266 -2.27 -24.49 9.06
N ASN A 267 -2.23 -23.55 9.99
CA ASN A 267 -3.37 -23.25 10.83
C ASN A 267 -3.19 -21.85 11.40
N VAL A 268 -3.91 -20.89 10.81
CA VAL A 268 -3.83 -19.50 11.22
C VAL A 268 -4.26 -19.29 12.66
N PHE A 269 -5.39 -19.88 13.03
CA PHE A 269 -5.93 -19.76 14.39
C PHE A 269 -4.89 -20.17 15.43
N GLN A 270 -4.28 -21.35 15.25
CA GLN A 270 -3.28 -21.85 16.19
C GLN A 270 -2.06 -20.94 16.25
N THR A 271 -1.56 -20.56 15.08
CA THR A 271 -0.38 -19.72 15.02
C THR A 271 -0.55 -18.39 15.75
N VAL A 272 -1.68 -17.72 15.51
CA VAL A 272 -1.96 -16.44 16.15
C VAL A 272 -2.20 -16.60 17.65
N SER A 273 -2.97 -17.62 18.01
CA SER A 273 -3.25 -17.87 19.43
C SER A 273 -1.94 -18.18 20.14
N ARG A 274 -1.10 -19.00 19.53
CA ARG A 274 0.18 -19.36 20.13
C ARG A 274 1.07 -18.14 20.23
N MET A 275 1.10 -17.33 19.18
CA MET A 275 1.94 -16.14 19.17
C MET A 275 1.54 -15.14 20.25
N ARG A 276 0.23 -15.05 20.52
CA ARG A 276 -0.29 -14.14 21.53
C ARG A 276 0.12 -14.51 22.96
N THR A 277 0.76 -15.67 23.13
CA THR A 277 1.23 -16.10 24.45
C THR A 277 2.70 -15.69 24.62
N GLN A 278 3.29 -15.09 23.58
CA GLN A 278 4.69 -14.67 23.65
C GLN A 278 4.76 -13.17 23.43
N ARG A 279 4.07 -12.68 22.41
CA ARG A 279 3.98 -11.23 22.18
C ARG A 279 2.50 -10.94 22.37
N ALA A 280 2.13 -10.56 23.59
CA ALA A 280 0.74 -10.27 23.91
C ALA A 280 0.11 -9.29 22.91
N PHE A 281 -1.16 -9.55 22.58
CA PHE A 281 -1.95 -8.73 21.67
C PHE A 281 -1.57 -8.77 20.19
N SER A 282 -0.69 -9.69 19.80
CA SER A 282 -0.29 -9.82 18.40
C SER A 282 -1.54 -9.92 17.53
N ILE A 283 -1.58 -9.13 16.46
CA ILE A 283 -2.70 -9.03 15.52
C ILE A 283 -3.71 -8.12 16.20
N GLN A 284 -3.70 -6.85 15.81
CA GLN A 284 -4.57 -5.84 16.41
C GLN A 284 -5.96 -5.61 15.85
N THR A 285 -6.22 -6.04 14.62
CA THR A 285 -7.55 -5.83 14.06
C THR A 285 -8.05 -7.06 13.31
N PRO A 286 -9.37 -7.17 13.15
CA PRO A 286 -9.93 -8.31 12.43
C PRO A 286 -9.49 -8.29 10.97
N GLU A 287 -9.24 -7.08 10.47
CA GLU A 287 -8.79 -6.91 9.09
C GLU A 287 -7.43 -7.59 8.94
N GLN A 288 -6.56 -7.38 9.92
CA GLN A 288 -5.24 -7.99 9.89
C GLN A 288 -5.36 -9.50 10.01
N TYR A 289 -6.27 -9.96 10.87
CA TYR A 289 -6.47 -11.40 11.04
C TYR A 289 -6.95 -11.99 9.72
N TYR A 290 -7.97 -11.35 9.14
CA TYR A 290 -8.52 -11.77 7.87
C TYR A 290 -7.41 -11.72 6.81
N PHE A 291 -6.55 -10.71 6.90
CA PHE A 291 -5.45 -10.56 5.94
C PHE A 291 -4.56 -11.81 5.93
N CYS A 292 -4.31 -12.38 7.11
CA CYS A 292 -3.48 -13.58 7.21
C CYS A 292 -4.06 -14.74 6.39
N TYR A 293 -5.38 -14.89 6.45
CA TYR A 293 -6.05 -15.93 5.68
C TYR A 293 -5.99 -15.59 4.20
N LYS A 294 -6.45 -14.39 3.86
CA LYS A 294 -6.46 -13.94 2.47
C LYS A 294 -5.08 -13.99 1.82
N ALA A 295 -4.05 -13.58 2.56
CA ALA A 295 -2.69 -13.59 2.02
C ALA A 295 -2.27 -15.00 1.66
N ILE A 296 -2.57 -15.96 2.53
CA ILE A 296 -2.20 -17.34 2.29
C ILE A 296 -2.91 -17.88 1.05
N LEU A 297 -4.19 -17.53 0.90
CA LEU A 297 -4.97 -17.97 -0.24
C LEU A 297 -4.48 -17.29 -1.52
N GLU A 298 -4.07 -16.02 -1.41
CA GLU A 298 -3.58 -15.30 -2.58
C GLU A 298 -2.27 -15.93 -3.03
N PHE A 299 -1.44 -16.32 -2.07
CA PHE A 299 -0.16 -16.96 -2.36
C PHE A 299 -0.41 -18.32 -3.01
N ALA A 300 -1.43 -19.02 -2.52
CA ALA A 300 -1.78 -20.33 -3.04
C ALA A 300 -2.17 -20.23 -4.51
N GLU A 301 -3.00 -19.24 -4.83
CA GLU A 301 -3.43 -19.02 -6.21
C GLU A 301 -2.24 -18.67 -7.10
N LYS A 302 -1.41 -17.75 -6.61
CA LYS A 302 -0.24 -17.33 -7.37
C LYS A 302 0.72 -18.49 -7.63
N GLU A 303 0.69 -19.49 -6.75
CA GLU A 303 1.53 -20.67 -6.90
C GLU A 303 0.83 -21.76 -7.71
N GLY A 304 -0.33 -21.41 -8.27
CA GLY A 304 -1.09 -22.35 -9.07
C GLY A 304 -1.66 -23.53 -8.30
N MET A 305 -1.88 -23.34 -7.00
CA MET A 305 -2.42 -24.38 -6.13
C MET A 305 -3.94 -24.32 -6.03
N VAL A 306 -4.52 -23.19 -6.43
CA VAL A 306 -5.96 -23.00 -6.33
C VAL A 306 -6.73 -23.26 -7.60
N SER A 307 -7.72 -24.13 -7.47
CA SER A 307 -8.59 -24.48 -8.58
C SER A 307 -9.96 -23.99 -8.12
N ALA A 308 -10.51 -23.01 -8.82
CA ALA A 308 -11.80 -22.47 -8.45
C ALA A 308 -12.92 -23.09 -9.28
N SER B 2 -7.90 26.05 -10.34
CA SER B 2 -7.21 24.73 -10.33
C SER B 2 -5.94 24.79 -9.51
N VAL B 3 -5.61 23.71 -8.82
CA VAL B 3 -4.39 23.67 -8.01
C VAL B 3 -3.19 23.50 -8.94
N HIS B 4 -3.45 23.00 -10.14
CA HIS B 4 -2.38 22.78 -11.11
C HIS B 4 -2.10 23.98 -11.99
N VAL B 5 -1.23 24.85 -11.52
CA VAL B 5 -0.83 26.06 -12.24
C VAL B 5 0.66 26.00 -12.49
N PRO B 6 1.15 26.75 -13.49
CA PRO B 6 2.58 26.77 -13.81
C PRO B 6 3.44 27.27 -12.67
N GLY B 7 4.49 26.52 -12.35
CA GLY B 7 5.38 26.90 -11.28
C GLY B 7 4.89 26.42 -9.93
N PRO B 8 5.74 26.47 -8.89
CA PRO B 8 7.13 26.95 -9.02
C PRO B 8 8.10 25.83 -9.36
N HIS B 9 9.26 26.21 -9.91
CA HIS B 9 10.31 25.26 -10.25
C HIS B 9 10.04 24.31 -11.41
N ALA B 10 9.24 24.75 -12.39
CA ALA B 10 8.94 23.93 -13.56
C ALA B 10 10.24 23.72 -14.35
N MET B 11 10.39 22.56 -14.98
CA MET B 11 11.60 22.27 -15.75
C MET B 11 11.33 22.03 -17.23
N THR B 12 12.29 22.44 -18.07
CA THR B 12 12.19 22.23 -19.51
C THR B 12 12.59 20.77 -19.75
N ILE B 13 12.44 20.31 -20.98
CA ILE B 13 12.81 18.94 -21.32
C ILE B 13 14.30 18.72 -21.06
N GLN B 14 15.13 19.67 -21.49
CA GLN B 14 16.57 19.52 -21.30
C GLN B 14 16.93 19.49 -19.82
N GLU B 15 16.32 20.35 -19.02
CA GLU B 15 16.59 20.37 -17.58
C GLU B 15 16.08 19.08 -16.95
N LEU B 16 14.97 18.56 -17.46
CA LEU B 16 14.39 17.32 -16.93
C LEU B 16 15.36 16.17 -17.17
N VAL B 17 15.94 16.14 -18.37
CA VAL B 17 16.90 15.10 -18.72
C VAL B 17 18.06 15.13 -17.72
N ASP B 18 18.61 16.32 -17.49
CA ASP B 18 19.71 16.48 -16.55
C ASP B 18 19.29 16.12 -15.13
N TYR B 19 18.07 16.51 -14.76
CA TYR B 19 17.53 16.24 -13.43
C TYR B 19 17.53 14.75 -13.11
N VAL B 20 16.94 13.96 -13.99
CA VAL B 20 16.84 12.52 -13.82
C VAL B 20 18.20 11.84 -13.83
N ASN B 21 19.05 12.19 -14.79
CA ASN B 21 20.38 11.60 -14.88
C ASN B 21 21.19 11.82 -13.60
N ALA B 22 20.91 12.90 -12.89
CA ALA B 22 21.62 13.20 -11.65
C ALA B 22 21.09 12.41 -10.46
N ARG B 23 19.84 11.97 -10.55
CA ARG B 23 19.23 11.21 -9.46
C ARG B 23 19.16 9.71 -9.72
N GLN B 24 18.80 9.32 -10.94
CA GLN B 24 18.66 7.92 -11.29
C GLN B 24 17.53 7.28 -10.49
N LYS B 25 17.35 5.98 -10.64
CA LYS B 25 16.28 5.26 -9.92
C LYS B 25 16.30 5.57 -8.42
N GLN B 26 17.46 5.34 -7.81
CA GLN B 26 17.64 5.60 -6.38
C GLN B 26 17.20 7.01 -5.96
N GLY B 27 17.61 8.01 -6.72
CA GLY B 27 17.24 9.38 -6.39
C GLY B 27 15.75 9.67 -6.56
N ILE B 28 15.17 9.17 -7.64
CA ILE B 28 13.75 9.38 -7.89
C ILE B 28 12.91 8.63 -6.84
N TYR B 29 13.34 7.42 -6.49
CA TYR B 29 12.64 6.63 -5.49
C TYR B 29 12.59 7.36 -4.15
N GLU B 30 13.70 8.00 -3.78
CA GLU B 30 13.78 8.76 -2.54
C GLU B 30 12.80 9.94 -2.63
N GLU B 31 12.75 10.59 -3.79
CA GLU B 31 11.86 11.72 -4.01
C GLU B 31 10.40 11.30 -3.78
N TYR B 32 10.02 10.13 -4.27
CA TYR B 32 8.66 9.66 -4.06
C TYR B 32 8.37 9.52 -2.58
N GLU B 33 9.33 8.95 -1.84
CA GLU B 33 9.15 8.76 -0.41
C GLU B 33 8.90 10.10 0.28
N ASP B 34 9.49 11.19 -0.22
CA ASP B 34 9.27 12.50 0.40
C ASP B 34 7.81 12.89 0.18
N ILE B 35 7.24 12.41 -0.92
CA ILE B 35 5.86 12.68 -1.25
C ILE B 35 4.94 11.81 -0.38
N ARG B 36 5.23 10.52 -0.36
CA ARG B 36 4.47 9.53 0.40
C ARG B 36 4.51 9.82 1.91
N ARG B 37 5.52 10.55 2.33
CA ARG B 37 5.71 10.89 3.74
C ARG B 37 4.75 11.99 4.19
N GLU B 38 4.16 12.69 3.23
CA GLU B 38 3.23 13.75 3.57
C GLU B 38 1.90 13.15 4.01
N ASN B 39 1.24 13.83 4.95
CA ASN B 39 -0.04 13.35 5.46
C ASN B 39 -1.16 14.10 4.73
N PRO B 40 -2.15 13.37 4.20
CA PRO B 40 -3.23 14.07 3.51
C PRO B 40 -3.94 15.06 4.43
N VAL B 41 -4.52 16.09 3.83
CA VAL B 41 -5.24 17.11 4.57
C VAL B 41 -6.72 16.99 4.23
N GLY B 42 -7.48 16.44 5.17
CA GLY B 42 -8.91 16.26 4.96
C GLY B 42 -9.39 15.09 5.80
N THR B 43 -10.64 14.70 5.59
CA THR B 43 -11.23 13.60 6.35
C THR B 43 -11.78 12.52 5.41
N PHE B 44 -11.93 11.31 5.95
CA PHE B 44 -12.43 10.18 5.16
C PHE B 44 -13.68 9.61 5.81
N HIS B 45 -14.39 10.43 6.57
CA HIS B 45 -15.60 10.00 7.27
C HIS B 45 -16.59 9.18 6.46
N CYS B 46 -17.02 9.73 5.32
CA CYS B 46 -18.01 9.05 4.49
C CYS B 46 -17.57 7.68 4.02
N SER B 47 -16.33 7.58 3.51
CA SER B 47 -15.79 6.31 3.04
C SER B 47 -15.68 5.29 4.15
N MET B 48 -15.44 5.76 5.37
CA MET B 48 -15.29 4.90 6.55
C MET B 48 -16.61 4.57 7.21
N SER B 49 -17.70 5.17 6.75
CA SER B 49 -19.00 4.96 7.34
C SER B 49 -19.57 3.56 7.13
N PRO B 50 -20.25 3.02 8.16
CA PRO B 50 -20.83 1.69 7.99
C PRO B 50 -21.90 1.95 6.95
N GLY B 51 -22.25 0.97 6.13
CA GLY B 51 -23.26 1.26 5.12
C GLY B 51 -22.62 1.65 3.79
N ASN B 52 -21.42 2.21 3.83
CA ASN B 52 -20.68 2.58 2.61
C ASN B 52 -19.47 1.67 2.48
N LEU B 53 -19.21 0.91 3.54
CA LEU B 53 -18.08 -0.01 3.56
C LEU B 53 -18.18 -1.02 2.40
N GLU B 54 -19.39 -1.48 2.13
CA GLU B 54 -19.62 -2.44 1.05
C GLU B 54 -19.40 -1.83 -0.34
N LYS B 55 -19.38 -0.50 -0.41
CA LYS B 55 -19.21 0.18 -1.69
C LYS B 55 -17.76 0.51 -2.05
N ASN B 56 -16.83 0.02 -1.23
CA ASN B 56 -15.41 0.25 -1.48
C ASN B 56 -14.77 -1.07 -1.88
N ARG B 57 -14.03 -1.07 -2.97
CA ARG B 57 -13.38 -2.29 -3.42
C ARG B 57 -12.22 -2.66 -2.50
N TYR B 58 -11.57 -1.65 -1.92
CA TYR B 58 -10.43 -1.87 -1.02
C TYR B 58 -10.52 -1.04 0.26
N GLY B 59 -10.33 -1.70 1.40
CA GLY B 59 -10.38 -0.99 2.66
C GLY B 59 -9.20 -0.05 2.86
N ASP B 60 -8.12 -0.26 2.10
CA ASP B 60 -6.95 0.60 2.26
C ASP B 60 -7.01 1.83 1.38
N VAL B 61 -8.11 2.00 0.65
CA VAL B 61 -8.25 3.13 -0.26
C VAL B 61 -9.57 3.92 -0.10
N PRO B 62 -9.67 4.72 0.97
CA PRO B 62 -10.89 5.51 1.17
C PRO B 62 -10.74 6.78 0.34
N CYS B 63 -11.76 7.60 0.27
CA CYS B 63 -11.62 8.85 -0.49
C CYS B 63 -12.01 10.04 0.38
N LEU B 64 -11.40 11.17 0.08
CA LEU B 64 -11.63 12.41 0.83
C LEU B 64 -13.06 12.92 0.78
N ASP B 65 -13.54 13.38 1.94
CA ASP B 65 -14.89 13.92 2.05
C ASP B 65 -15.01 15.21 1.25
N GLN B 66 -13.97 16.04 1.33
CA GLN B 66 -13.91 17.32 0.66
C GLN B 66 -14.00 17.31 -0.86
N THR B 67 -13.58 16.21 -1.49
CA THR B 67 -13.60 16.14 -2.95
C THR B 67 -14.41 14.99 -3.56
N ARG B 68 -15.10 14.22 -2.72
CA ARG B 68 -15.86 13.08 -3.23
C ARG B 68 -17.04 13.50 -4.11
N VAL B 69 -17.41 12.63 -5.04
CA VAL B 69 -18.52 12.93 -5.92
C VAL B 69 -19.79 12.45 -5.25
N LYS B 70 -20.64 13.39 -4.86
CA LYS B 70 -21.90 13.06 -4.20
C LYS B 70 -22.98 12.74 -5.22
N LEU B 71 -23.76 11.71 -4.93
CA LEU B 71 -24.84 11.29 -5.80
C LEU B 71 -26.17 11.68 -5.16
N THR B 72 -27.18 11.95 -5.98
CA THR B 72 -28.49 12.31 -5.44
C THR B 72 -29.07 11.01 -4.90
N LYS B 73 -30.05 11.11 -4.00
CA LYS B 73 -30.67 9.92 -3.43
C LYS B 73 -32.14 10.20 -3.09
N ARG B 74 -32.86 9.15 -2.74
CA ARG B 74 -34.27 9.25 -2.36
C ARG B 74 -34.38 8.58 -1.00
N SER B 75 -35.04 9.25 -0.06
CA SER B 75 -35.20 8.69 1.29
C SER B 75 -36.04 7.42 1.28
N GLY B 76 -35.90 6.63 2.34
CA GLY B 76 -36.67 5.40 2.48
C GLY B 76 -36.41 4.31 1.47
N HIS B 77 -35.25 4.31 0.83
CA HIS B 77 -34.93 3.29 -0.15
C HIS B 77 -33.59 2.58 0.11
N THR B 78 -33.08 2.74 1.33
CA THR B 78 -31.80 2.15 1.74
C THR B 78 -30.68 2.59 0.80
N GLN B 79 -30.67 3.89 0.49
CA GLN B 79 -29.66 4.48 -0.40
C GLN B 79 -28.80 5.51 0.33
N THR B 80 -27.57 5.68 -0.15
CA THR B 80 -26.65 6.67 0.39
C THR B 80 -26.16 7.48 -0.81
N ASP B 81 -25.60 8.66 -0.55
CA ASP B 81 -25.13 9.51 -1.64
C ASP B 81 -23.67 9.22 -1.99
N TYR B 82 -23.18 8.04 -1.61
CA TYR B 82 -21.76 7.71 -1.82
C TYR B 82 -21.31 6.82 -2.97
N ILE B 83 -20.16 7.18 -3.52
CA ILE B 83 -19.49 6.39 -4.55
C ILE B 83 -18.02 6.75 -4.35
N ASN B 84 -17.16 5.75 -4.35
CA ASN B 84 -15.73 5.99 -4.15
C ASN B 84 -15.15 6.63 -5.41
N ALA B 85 -15.34 7.94 -5.53
CA ALA B 85 -14.86 8.69 -6.68
C ALA B 85 -14.51 10.08 -6.20
N SER B 86 -13.49 10.68 -6.82
CA SER B 86 -13.03 11.99 -6.42
C SER B 86 -12.87 12.96 -7.60
N PHE B 87 -13.25 14.21 -7.37
CA PHE B 87 -13.07 15.25 -8.39
C PHE B 87 -11.59 15.59 -8.36
N MET B 88 -11.00 15.73 -9.52
CA MET B 88 -9.58 16.07 -9.63
C MET B 88 -9.37 17.18 -10.65
N ASP B 89 -8.59 18.19 -10.28
CA ASP B 89 -8.31 19.27 -11.21
C ASP B 89 -7.36 18.76 -12.27
N GLY B 90 -7.24 19.52 -13.35
CA GLY B 90 -6.34 19.22 -14.43
C GLY B 90 -5.51 20.48 -14.62
N TYR B 91 -4.69 20.53 -15.66
CA TYR B 91 -3.85 21.71 -15.89
C TYR B 91 -4.72 22.93 -16.18
N LYS B 92 -4.69 23.91 -15.26
CA LYS B 92 -5.47 25.14 -15.38
C LYS B 92 -6.94 24.84 -15.71
N GLN B 93 -7.48 23.80 -15.09
CA GLN B 93 -8.87 23.42 -15.31
C GLN B 93 -9.43 22.76 -14.06
N LYS B 94 -10.57 23.26 -13.59
CA LYS B 94 -11.20 22.70 -12.40
C LYS B 94 -11.96 21.43 -12.76
N ASN B 95 -11.86 20.42 -11.90
CA ASN B 95 -12.54 19.14 -12.08
C ASN B 95 -12.41 18.57 -13.49
N ALA B 96 -11.18 18.44 -13.97
CA ALA B 96 -10.94 17.91 -15.30
C ALA B 96 -11.19 16.40 -15.31
N TYR B 97 -11.02 15.76 -14.16
CA TYR B 97 -11.22 14.31 -14.05
C TYR B 97 -12.03 13.91 -12.84
N ILE B 98 -12.45 12.65 -12.87
CA ILE B 98 -13.14 12.04 -11.75
C ILE B 98 -12.41 10.72 -11.64
N GLY B 99 -11.63 10.59 -10.57
CA GLY B 99 -10.86 9.38 -10.34
C GLY B 99 -11.71 8.45 -9.51
N THR B 100 -11.84 7.21 -9.94
CA THR B 100 -12.66 6.28 -9.20
C THR B 100 -12.15 4.85 -9.30
N GLN B 101 -12.73 3.96 -8.50
CA GLN B 101 -12.34 2.56 -8.48
C GLN B 101 -13.05 1.77 -9.56
N GLY B 102 -12.59 0.55 -9.78
CA GLY B 102 -13.23 -0.30 -10.77
C GLY B 102 -14.58 -0.64 -10.17
N PRO B 103 -15.69 -0.31 -10.85
CA PRO B 103 -17.04 -0.60 -10.34
C PRO B 103 -17.26 -2.04 -9.88
N LEU B 104 -18.05 -2.18 -8.81
CA LEU B 104 -18.39 -3.47 -8.22
C LEU B 104 -19.83 -3.80 -8.64
N GLU B 105 -20.19 -5.07 -8.55
CA GLU B 105 -21.54 -5.53 -8.92
C GLU B 105 -22.57 -4.58 -8.33
N ASN B 106 -22.46 -4.35 -7.02
CA ASN B 106 -23.39 -3.49 -6.30
C ASN B 106 -23.23 -1.98 -6.54
N THR B 107 -22.17 -1.54 -7.22
CA THR B 107 -22.02 -0.11 -7.47
C THR B 107 -22.22 0.30 -8.93
N TYR B 108 -22.50 -0.66 -9.81
CA TYR B 108 -22.71 -0.35 -11.23
C TYR B 108 -23.70 0.80 -11.36
N ARG B 109 -24.85 0.66 -10.72
CA ARG B 109 -25.89 1.68 -10.77
C ARG B 109 -25.37 3.06 -10.35
N ASP B 110 -24.59 3.09 -9.29
CA ASP B 110 -24.05 4.37 -8.82
C ASP B 110 -23.06 4.91 -9.85
N PHE B 111 -22.28 4.03 -10.47
CA PHE B 111 -21.31 4.47 -11.47
C PHE B 111 -22.03 5.21 -12.60
N TRP B 112 -23.05 4.58 -13.17
CA TRP B 112 -23.77 5.22 -14.26
C TRP B 112 -24.56 6.44 -13.82
N LEU B 113 -25.05 6.45 -12.59
CA LEU B 113 -25.79 7.63 -12.13
C LEU B 113 -24.82 8.79 -12.09
N MET B 114 -23.60 8.51 -11.65
CA MET B 114 -22.57 9.53 -11.58
C MET B 114 -22.24 10.03 -12.99
N VAL B 115 -22.12 9.11 -13.94
CA VAL B 115 -21.81 9.48 -15.32
C VAL B 115 -22.89 10.42 -15.86
N TRP B 116 -24.15 10.12 -15.57
CA TRP B 116 -25.22 10.96 -16.08
C TRP B 116 -25.27 12.35 -15.45
N GLU B 117 -25.28 12.39 -14.12
CA GLU B 117 -25.35 13.67 -13.41
C GLU B 117 -24.19 14.61 -13.68
N GLN B 118 -22.98 14.07 -13.70
CA GLN B 118 -21.81 14.90 -13.96
C GLN B 118 -21.62 15.16 -15.46
N LYS B 119 -22.56 14.67 -16.26
CA LYS B 119 -22.54 14.88 -17.71
C LYS B 119 -21.26 14.41 -18.39
N VAL B 120 -20.72 13.28 -17.93
CA VAL B 120 -19.49 12.73 -18.48
C VAL B 120 -19.64 12.25 -19.92
N LEU B 121 -18.67 12.61 -20.75
CA LEU B 121 -18.66 12.25 -22.16
C LEU B 121 -17.68 11.13 -22.48
N VAL B 122 -16.56 11.10 -21.75
CA VAL B 122 -15.56 10.07 -21.99
C VAL B 122 -15.18 9.32 -20.73
N ILE B 123 -15.06 8.01 -20.86
CA ILE B 123 -14.67 7.15 -19.76
C ILE B 123 -13.36 6.45 -20.11
N VAL B 124 -12.42 6.48 -19.19
CA VAL B 124 -11.12 5.84 -19.39
C VAL B 124 -10.92 4.73 -18.36
N MET B 125 -10.74 3.52 -18.87
CA MET B 125 -10.52 2.34 -18.04
C MET B 125 -9.10 1.86 -18.32
N THR B 126 -8.24 1.85 -17.29
CA THR B 126 -6.85 1.45 -17.47
C THR B 126 -6.48 0.02 -17.08
N THR B 127 -7.45 -0.89 -17.05
CA THR B 127 -7.16 -2.27 -16.70
C THR B 127 -8.13 -3.24 -17.37
N ARG B 128 -7.86 -4.53 -17.18
CA ARG B 128 -8.73 -5.57 -17.70
C ARG B 128 -9.53 -5.96 -16.46
N PHE B 129 -10.52 -6.83 -16.62
CA PHE B 129 -11.33 -7.23 -15.48
C PHE B 129 -10.51 -7.98 -14.43
N GLU B 130 -9.62 -8.86 -14.90
CA GLU B 130 -8.77 -9.62 -14.00
C GLU B 130 -7.34 -9.55 -14.54
N GLU B 131 -6.37 -9.46 -13.64
CA GLU B 131 -4.98 -9.38 -14.04
C GLU B 131 -4.08 -10.15 -13.07
N GLY B 132 -3.24 -11.01 -13.63
CA GLY B 132 -2.33 -11.79 -12.81
C GLY B 132 -3.02 -12.64 -11.77
N GLY B 133 -4.29 -12.97 -12.01
CA GLY B 133 -5.02 -13.79 -11.07
C GLY B 133 -5.80 -12.99 -10.03
N ARG B 134 -5.76 -11.66 -10.14
CA ARG B 134 -6.47 -10.80 -9.21
C ARG B 134 -7.61 -10.01 -9.85
N ARG B 135 -8.73 -9.92 -9.15
CA ARG B 135 -9.89 -9.18 -9.62
C ARG B 135 -9.53 -7.70 -9.63
N LYS B 136 -9.94 -7.00 -10.69
CA LYS B 136 -9.65 -5.57 -10.81
C LYS B 136 -10.87 -4.72 -11.07
N CYS B 137 -11.83 -5.25 -11.82
CA CYS B 137 -13.02 -4.47 -12.15
C CYS B 137 -14.16 -5.38 -12.58
N GLY B 138 -15.39 -4.93 -12.36
CA GLY B 138 -16.54 -5.71 -12.74
C GLY B 138 -16.97 -5.37 -14.16
N GLN B 139 -17.86 -6.18 -14.73
CA GLN B 139 -18.35 -5.97 -16.09
C GLN B 139 -19.55 -5.03 -16.04
N TYR B 140 -19.27 -3.73 -15.93
CA TYR B 140 -20.32 -2.72 -15.80
C TYR B 140 -20.95 -2.17 -17.06
N TRP B 141 -20.49 -2.61 -18.23
CA TRP B 141 -21.08 -2.11 -19.47
C TRP B 141 -21.29 -3.24 -20.48
N PRO B 142 -22.24 -3.05 -21.42
CA PRO B 142 -22.51 -4.09 -22.43
C PRO B 142 -21.32 -4.23 -23.37
N LEU B 143 -20.73 -5.42 -23.37
CA LEU B 143 -19.56 -5.72 -24.19
C LEU B 143 -19.90 -5.90 -25.68
N GLU B 144 -20.99 -6.61 -25.96
CA GLU B 144 -21.40 -6.88 -27.34
C GLU B 144 -22.09 -5.68 -28.00
N LYS B 145 -21.64 -5.33 -29.19
CA LYS B 145 -22.27 -4.24 -29.92
C LYS B 145 -23.74 -4.62 -30.01
N ASP B 146 -24.63 -3.63 -29.86
CA ASP B 146 -26.07 -3.85 -29.92
C ASP B 146 -26.70 -4.18 -28.56
N SER B 147 -26.03 -4.99 -27.76
CA SER B 147 -26.57 -5.37 -26.45
C SER B 147 -26.70 -4.16 -25.51
N ARG B 148 -27.59 -4.28 -24.52
CA ARG B 148 -27.82 -3.20 -23.57
C ARG B 148 -28.15 -3.71 -22.17
N ILE B 149 -27.87 -2.88 -21.17
CA ILE B 149 -28.14 -3.22 -19.78
C ILE B 149 -28.95 -2.10 -19.14
N ARG B 150 -29.82 -2.49 -18.21
CA ARG B 150 -30.67 -1.52 -17.53
C ARG B 150 -30.29 -1.31 -16.07
N PHE B 151 -30.03 -0.06 -15.72
CA PHE B 151 -29.67 0.31 -14.36
C PHE B 151 -30.69 1.31 -13.85
N GLY B 152 -31.78 0.81 -13.28
CA GLY B 152 -32.82 1.70 -12.78
C GLY B 152 -33.46 2.44 -13.94
N PHE B 153 -33.41 3.76 -13.91
CA PHE B 153 -34.00 4.56 -14.97
C PHE B 153 -32.96 4.94 -16.03
N LEU B 154 -31.84 4.24 -16.04
CA LEU B 154 -30.78 4.49 -17.01
C LEU B 154 -30.46 3.25 -17.81
N THR B 155 -30.54 3.35 -19.13
CA THR B 155 -30.23 2.23 -20.00
C THR B 155 -28.97 2.51 -20.79
N VAL B 156 -28.05 1.54 -20.80
CA VAL B 156 -26.79 1.69 -21.52
C VAL B 156 -26.75 0.71 -22.69
N THR B 157 -26.57 1.25 -23.90
CA THR B 157 -26.52 0.42 -25.09
C THR B 157 -25.20 0.49 -25.84
N ASN B 158 -24.67 -0.68 -26.18
CA ASN B 158 -23.41 -0.77 -26.91
C ASN B 158 -23.70 -0.47 -28.39
N LEU B 159 -23.15 0.63 -28.89
CA LEU B 159 -23.36 1.00 -30.29
C LEU B 159 -22.18 0.64 -31.18
N GLY B 160 -21.22 -0.10 -30.64
CA GLY B 160 -20.06 -0.48 -31.42
C GLY B 160 -18.73 -0.35 -30.71
N VAL B 161 -17.77 -1.20 -31.09
CA VAL B 161 -16.45 -1.17 -30.48
C VAL B 161 -15.38 -1.24 -31.57
N GLU B 162 -14.30 -0.49 -31.36
CA GLU B 162 -13.20 -0.46 -32.31
C GLU B 162 -12.01 -1.11 -31.62
N ASN B 163 -11.48 -2.16 -32.22
CA ASN B 163 -10.34 -2.86 -31.64
C ASN B 163 -9.02 -2.34 -32.18
N MET B 164 -8.34 -1.53 -31.39
CA MET B 164 -7.03 -1.00 -31.79
C MET B 164 -5.96 -1.94 -31.28
N ASN B 165 -4.70 -1.51 -31.37
CA ASN B 165 -3.59 -2.35 -30.93
C ASN B 165 -3.50 -2.51 -29.42
N HIS B 166 -3.41 -1.38 -28.72
CA HIS B 166 -3.26 -1.39 -27.27
C HIS B 166 -4.50 -0.91 -26.52
N TYR B 167 -5.65 -0.87 -27.18
CA TYR B 167 -6.87 -0.43 -26.52
C TYR B 167 -8.12 -0.66 -27.36
N LYS B 168 -9.27 -0.68 -26.68
CA LYS B 168 -10.55 -0.85 -27.35
C LYS B 168 -11.41 0.38 -27.07
N LYS B 169 -12.00 0.92 -28.13
CA LYS B 169 -12.86 2.09 -28.04
C LYS B 169 -14.31 1.62 -28.21
N THR B 170 -15.15 1.93 -27.24
CA THR B 170 -16.55 1.52 -27.29
C THR B 170 -17.51 2.70 -27.22
N THR B 171 -18.41 2.80 -28.19
CA THR B 171 -19.38 3.88 -28.19
C THR B 171 -20.61 3.38 -27.45
N LEU B 172 -21.04 4.17 -26.46
CA LEU B 172 -22.21 3.78 -25.67
C LEU B 172 -23.28 4.85 -25.68
N GLU B 173 -24.51 4.40 -25.52
CA GLU B 173 -25.64 5.30 -25.47
C GLU B 173 -26.30 5.15 -24.10
N ILE B 174 -26.43 6.27 -23.40
CA ILE B 174 -27.05 6.28 -22.09
C ILE B 174 -28.40 6.97 -22.23
N HIS B 175 -29.46 6.25 -21.90
CA HIS B 175 -30.79 6.80 -21.99
C HIS B 175 -31.41 6.92 -20.62
N ASN B 176 -31.69 8.17 -20.22
CA ASN B 176 -32.31 8.42 -18.94
C ASN B 176 -33.81 8.40 -19.21
N THR B 177 -34.42 7.23 -19.03
CA THR B 177 -35.84 7.06 -19.28
C THR B 177 -36.70 8.00 -18.46
N GLU B 178 -36.15 8.49 -17.35
CA GLU B 178 -36.87 9.40 -16.47
C GLU B 178 -36.90 10.78 -17.13
N GLU B 179 -35.72 11.34 -17.41
CA GLU B 179 -35.63 12.65 -18.03
C GLU B 179 -35.93 12.56 -19.52
N ARG B 180 -36.19 11.35 -19.99
CA ARG B 180 -36.50 11.12 -21.40
C ARG B 180 -35.42 11.76 -22.28
N GLN B 181 -34.15 11.45 -21.99
CA GLN B 181 -33.06 12.00 -22.77
C GLN B 181 -31.98 10.97 -23.05
N LYS B 182 -31.19 11.21 -24.08
CA LYS B 182 -30.11 10.31 -24.46
C LYS B 182 -28.82 11.07 -24.73
N ARG B 183 -27.70 10.40 -24.49
CA ARG B 183 -26.38 10.99 -24.71
C ARG B 183 -25.48 9.89 -25.22
N GLN B 184 -24.42 10.28 -25.93
CA GLN B 184 -23.47 9.31 -26.44
C GLN B 184 -22.18 9.47 -25.64
N VAL B 185 -21.70 8.37 -25.08
CA VAL B 185 -20.49 8.38 -24.28
C VAL B 185 -19.45 7.45 -24.90
N THR B 186 -18.20 7.87 -24.89
CA THR B 186 -17.12 7.06 -25.45
C THR B 186 -16.35 6.38 -24.32
N HIS B 187 -16.25 5.06 -24.40
CA HIS B 187 -15.56 4.26 -23.39
C HIS B 187 -14.28 3.67 -23.96
N PHE B 188 -13.14 4.08 -23.40
CA PHE B 188 -11.82 3.61 -23.81
C PHE B 188 -11.25 2.67 -22.75
N GLN B 189 -10.70 1.54 -23.18
CA GLN B 189 -10.09 0.59 -22.27
C GLN B 189 -8.66 0.29 -22.72
N PHE B 190 -7.68 0.72 -21.94
CA PHE B 190 -6.29 0.48 -22.28
C PHE B 190 -6.00 -0.99 -21.98
N LEU B 191 -5.43 -1.69 -22.94
CA LEU B 191 -5.15 -3.12 -22.77
C LEU B 191 -3.68 -3.46 -22.61
N SER B 192 -2.79 -2.55 -22.99
CA SER B 192 -1.36 -2.82 -22.91
C SER B 192 -0.62 -2.35 -21.66
N TRP B 193 -1.15 -2.66 -20.48
CA TRP B 193 -0.49 -2.31 -19.23
C TRP B 193 -0.20 -3.62 -18.49
N PRO B 194 1.08 -3.88 -18.15
CA PRO B 194 1.49 -5.11 -17.46
C PRO B 194 0.83 -5.33 -16.11
N ASP B 195 0.27 -6.53 -15.93
CA ASP B 195 -0.39 -6.90 -14.69
C ASP B 195 0.55 -6.63 -13.51
N TYR B 196 1.84 -6.78 -13.76
CA TYR B 196 2.86 -6.58 -12.74
C TYR B 196 3.80 -5.44 -13.14
N GLY B 197 3.71 -4.32 -12.43
CA GLY B 197 4.58 -3.19 -12.73
C GLY B 197 4.09 -2.27 -13.84
N VAL B 198 5.01 -1.50 -14.41
CA VAL B 198 4.68 -0.56 -15.47
C VAL B 198 5.12 -1.06 -16.85
N PRO B 199 4.55 -0.49 -17.93
CA PRO B 199 4.88 -0.87 -19.30
C PRO B 199 6.37 -0.63 -19.59
N SER B 200 6.97 -1.52 -20.38
CA SER B 200 8.39 -1.39 -20.72
C SER B 200 8.61 -0.09 -21.49
N SER B 201 7.63 0.27 -22.31
CA SER B 201 7.65 1.49 -23.11
C SER B 201 6.33 2.21 -22.90
N ALA B 202 6.37 3.54 -22.84
CA ALA B 202 5.16 4.33 -22.61
C ALA B 202 4.53 4.81 -23.92
N ALA B 203 5.16 4.46 -25.04
CA ALA B 203 4.66 4.87 -26.35
C ALA B 203 3.15 4.63 -26.49
N SER B 204 2.73 3.41 -26.25
CA SER B 204 1.31 3.07 -26.37
C SER B 204 0.43 3.88 -25.43
N LEU B 205 0.91 4.14 -24.23
CA LEU B 205 0.15 4.91 -23.24
C LEU B 205 -0.06 6.36 -23.68
N ILE B 206 0.99 6.97 -24.23
CA ILE B 206 0.89 8.35 -24.70
C ILE B 206 -0.10 8.45 -25.85
N ASP B 207 -0.08 7.45 -26.73
CA ASP B 207 -1.01 7.44 -27.86
C ASP B 207 -2.42 7.33 -27.33
N PHE B 208 -2.59 6.44 -26.36
CA PHE B 208 -3.90 6.22 -25.74
C PHE B 208 -4.40 7.56 -25.22
N LEU B 209 -3.52 8.29 -24.56
CA LEU B 209 -3.83 9.58 -23.99
C LEU B 209 -4.27 10.59 -25.05
N ARG B 210 -3.51 10.69 -26.14
CA ARG B 210 -3.86 11.62 -27.20
C ARG B 210 -5.26 11.34 -27.71
N VAL B 211 -5.54 10.07 -27.99
CA VAL B 211 -6.85 9.68 -28.50
C VAL B 211 -7.94 10.10 -27.52
N VAL B 212 -7.69 9.94 -26.22
CA VAL B 212 -8.67 10.33 -25.22
C VAL B 212 -8.92 11.83 -25.28
N ARG B 213 -7.86 12.63 -25.35
CA ARG B 213 -7.99 14.09 -25.41
C ARG B 213 -8.75 14.55 -26.67
N ASN B 214 -8.42 13.97 -27.81
CA ASN B 214 -9.10 14.35 -29.04
C ASN B 214 -10.57 13.99 -28.95
N GLN B 215 -10.85 12.85 -28.34
CA GLN B 215 -12.23 12.41 -28.19
C GLN B 215 -13.01 13.36 -27.29
N GLN B 216 -12.39 13.81 -26.20
CA GLN B 216 -13.04 14.71 -25.26
C GLN B 216 -13.37 16.09 -25.83
N SER B 217 -12.37 16.76 -26.39
CA SER B 217 -12.57 18.09 -26.96
C SER B 217 -13.54 18.04 -28.13
N LEU B 218 -13.51 16.92 -28.86
CA LEU B 218 -14.38 16.71 -30.00
C LEU B 218 -15.84 16.56 -29.54
N ALA B 219 -16.04 15.91 -28.40
CA ALA B 219 -17.36 15.72 -27.85
C ALA B 219 -17.83 17.00 -27.18
N VAL B 220 -16.88 17.78 -26.67
CA VAL B 220 -17.19 19.05 -26.01
C VAL B 220 -17.63 20.08 -27.04
N SER B 221 -16.80 20.27 -28.07
CA SER B 221 -17.10 21.25 -29.12
C SER B 221 -18.29 20.81 -29.97
N ASN B 222 -19.11 19.92 -29.45
CA ASN B 222 -20.28 19.44 -30.16
C ASN B 222 -21.47 19.26 -29.22
N MET B 223 -21.25 19.55 -27.94
CA MET B 223 -22.32 19.42 -26.95
C MET B 223 -23.06 20.74 -26.80
N GLU B 233 -16.81 22.54 -18.97
CA GLU B 233 -16.52 21.26 -19.59
C GLU B 233 -16.65 20.13 -18.58
N PRO B 234 -17.32 19.04 -18.98
CA PRO B 234 -17.49 17.89 -18.08
C PRO B 234 -16.20 17.12 -17.83
N PRO B 235 -16.04 16.55 -16.63
CA PRO B 235 -14.84 15.79 -16.28
C PRO B 235 -14.74 14.47 -17.04
N ILE B 236 -13.51 13.99 -17.18
CA ILE B 236 -13.24 12.71 -17.83
C ILE B 236 -13.14 11.70 -16.70
N VAL B 237 -13.92 10.64 -16.78
CA VAL B 237 -13.86 9.61 -15.74
C VAL B 237 -12.69 8.67 -16.03
N VAL B 238 -11.82 8.53 -15.04
CA VAL B 238 -10.66 7.65 -15.18
C VAL B 238 -10.70 6.67 -14.02
N HIS B 239 -10.50 5.39 -14.32
CA HIS B 239 -10.50 4.40 -13.26
C HIS B 239 -9.63 3.20 -13.59
N CYS B 240 -9.16 2.56 -12.53
CA CYS B 240 -8.35 1.36 -12.63
C CYS B 240 -8.95 0.42 -11.59
N SER B 241 -8.12 -0.16 -10.73
CA SER B 241 -8.61 -1.07 -9.70
C SER B 241 -9.16 -0.26 -8.51
N ALA B 242 -8.29 0.56 -7.92
CA ALA B 242 -8.67 1.37 -6.76
C ALA B 242 -8.75 2.84 -7.13
N GLY B 243 -8.37 3.18 -8.35
CA GLY B 243 -8.42 4.57 -8.78
C GLY B 243 -7.34 5.46 -8.21
N ILE B 244 -6.17 4.89 -7.92
CA ILE B 244 -5.07 5.69 -7.38
C ILE B 244 -3.72 5.39 -8.04
N GLY B 245 -3.55 4.16 -8.54
CA GLY B 245 -2.29 3.80 -9.17
C GLY B 245 -2.21 4.24 -10.62
N ARG B 246 -2.75 3.40 -11.50
CA ARG B 246 -2.74 3.71 -12.93
C ARG B 246 -3.53 4.99 -13.20
N THR B 247 -4.59 5.20 -12.44
CA THR B 247 -5.40 6.40 -12.60
C THR B 247 -4.56 7.64 -12.31
N GLY B 248 -3.87 7.63 -11.17
CA GLY B 248 -3.04 8.76 -10.81
C GLY B 248 -1.96 9.02 -11.84
N THR B 249 -1.40 7.94 -12.38
CA THR B 249 -0.35 8.01 -13.40
C THR B 249 -0.88 8.66 -14.68
N PHE B 250 -2.01 8.17 -15.17
CA PHE B 250 -2.63 8.68 -16.38
C PHE B 250 -2.91 10.18 -16.23
N CYS B 251 -3.53 10.56 -15.12
CA CYS B 251 -3.84 11.96 -14.88
C CYS B 251 -2.61 12.85 -14.68
N SER B 252 -1.60 12.33 -13.98
CA SER B 252 -0.39 13.12 -13.74
C SER B 252 0.34 13.33 -15.06
N LEU B 253 0.31 12.31 -15.91
CA LEU B 253 0.97 12.37 -17.20
C LEU B 253 0.22 13.36 -18.10
N ASP B 254 -1.11 13.38 -17.99
CA ASP B 254 -1.91 14.27 -18.81
C ASP B 254 -1.67 15.74 -18.43
N ILE B 255 -1.55 16.00 -17.13
CA ILE B 255 -1.31 17.35 -16.64
C ILE B 255 0.08 17.87 -17.04
N CYS B 256 1.10 17.05 -16.87
CA CYS B 256 2.46 17.43 -17.21
C CYS B 256 2.61 17.73 -18.70
N LEU B 257 2.05 16.86 -19.54
CA LEU B 257 2.11 17.06 -20.98
C LEU B 257 1.30 18.30 -21.38
N ALA B 258 0.30 18.64 -20.58
CA ALA B 258 -0.52 19.82 -20.86
C ALA B 258 0.30 21.08 -20.58
N GLN B 259 1.03 21.07 -19.46
CA GLN B 259 1.85 22.23 -19.14
C GLN B 259 3.00 22.35 -20.15
N LEU B 260 3.60 21.22 -20.52
CA LEU B 260 4.70 21.21 -21.48
C LEU B 260 4.24 21.85 -22.79
N GLU B 261 3.02 21.50 -23.21
CA GLU B 261 2.46 22.01 -24.45
C GLU B 261 2.26 23.52 -24.47
N GLU B 262 1.82 24.09 -23.34
CA GLU B 262 1.59 25.53 -23.31
C GLU B 262 2.82 26.37 -22.93
N LEU B 263 3.58 25.92 -21.94
CA LEU B 263 4.74 26.69 -21.47
C LEU B 263 6.11 26.05 -21.65
N GLY B 264 6.14 24.84 -22.22
CA GLY B 264 7.40 24.16 -22.45
C GLY B 264 8.07 23.66 -21.19
N THR B 265 7.31 23.53 -20.11
CA THR B 265 7.86 23.05 -18.86
C THR B 265 6.90 22.12 -18.14
N LEU B 266 7.39 21.50 -17.07
CA LEU B 266 6.57 20.59 -16.29
C LEU B 266 7.22 20.35 -14.94
N ASN B 267 6.43 19.86 -13.99
CA ASN B 267 6.93 19.59 -12.65
C ASN B 267 6.22 18.37 -12.09
N VAL B 268 6.85 17.20 -12.21
CA VAL B 268 6.29 15.95 -11.73
C VAL B 268 5.99 16.01 -10.22
N PHE B 269 6.97 16.48 -9.46
CA PHE B 269 6.82 16.57 -8.01
C PHE B 269 5.58 17.33 -7.60
N GLN B 270 5.42 18.56 -8.09
CA GLN B 270 4.26 19.37 -7.76
C GLN B 270 2.95 18.77 -8.24
N THR B 271 2.96 18.22 -9.45
CA THR B 271 1.76 17.61 -10.01
C THR B 271 1.23 16.47 -9.13
N VAL B 272 2.12 15.56 -8.74
CA VAL B 272 1.73 14.43 -7.91
C VAL B 272 1.31 14.89 -6.51
N SER B 273 2.11 15.75 -5.90
CA SER B 273 1.80 16.28 -4.58
C SER B 273 0.40 16.91 -4.55
N ARG B 274 0.12 17.76 -5.54
CA ARG B 274 -1.17 18.44 -5.62
C ARG B 274 -2.32 17.49 -5.91
N MET B 275 -2.10 16.49 -6.76
CA MET B 275 -3.14 15.54 -7.08
C MET B 275 -3.51 14.73 -5.84
N ARG B 276 -2.53 14.48 -4.98
CA ARG B 276 -2.78 13.70 -3.78
C ARG B 276 -3.65 14.45 -2.76
N THR B 277 -3.89 15.73 -2.99
CA THR B 277 -4.74 16.51 -2.08
C THR B 277 -6.21 16.40 -2.51
N GLN B 278 -6.43 15.83 -3.69
CA GLN B 278 -7.79 15.70 -4.21
C GLN B 278 -8.19 14.24 -4.36
N ARG B 279 -7.27 13.43 -4.87
CA ARG B 279 -7.51 12.00 -4.99
C ARG B 279 -6.42 11.41 -4.11
N ALA B 280 -6.74 11.26 -2.83
CA ALA B 280 -5.80 10.74 -1.84
C ALA B 280 -5.12 9.45 -2.28
N PHE B 281 -3.81 9.37 -1.99
CA PHE B 281 -2.98 8.21 -2.31
C PHE B 281 -2.64 8.00 -3.78
N SER B 282 -2.89 9.00 -4.63
CA SER B 282 -2.59 8.89 -6.06
C SER B 282 -1.08 8.61 -6.25
N ILE B 283 -0.77 7.61 -7.08
CA ILE B 283 0.60 7.14 -7.36
C ILE B 283 1.01 6.31 -6.14
N GLN B 284 0.88 5.00 -6.26
CA GLN B 284 1.15 4.08 -5.15
C GLN B 284 2.57 3.59 -4.92
N THR B 285 3.38 3.47 -5.97
CA THR B 285 4.73 2.96 -5.79
C THR B 285 5.81 3.84 -6.39
N PRO B 286 7.05 3.71 -5.88
CA PRO B 286 8.17 4.49 -6.38
C PRO B 286 8.35 4.24 -7.88
N GLU B 287 8.06 3.01 -8.31
CA GLU B 287 8.19 2.62 -9.71
C GLU B 287 7.21 3.42 -10.59
N GLN B 288 5.98 3.60 -10.10
CA GLN B 288 4.98 4.36 -10.85
C GLN B 288 5.41 5.81 -10.96
N TYR B 289 5.96 6.33 -9.87
CA TYR B 289 6.43 7.72 -9.83
C TYR B 289 7.57 7.88 -10.84
N TYR B 290 8.56 6.99 -10.75
CA TYR B 290 9.71 7.06 -11.64
C TYR B 290 9.27 6.88 -13.09
N PHE B 291 8.20 6.12 -13.28
CA PHE B 291 7.68 5.88 -14.62
C PHE B 291 7.18 7.20 -15.25
N CYS B 292 6.54 8.05 -14.44
CA CYS B 292 6.05 9.31 -14.97
C CYS B 292 7.21 10.08 -15.61
N TYR B 293 8.36 10.11 -14.95
CA TYR B 293 9.54 10.79 -15.49
C TYR B 293 9.98 10.09 -16.78
N LYS B 294 10.21 8.78 -16.67
CA LYS B 294 10.66 7.98 -17.80
C LYS B 294 9.75 8.06 -19.02
N ALA B 295 8.44 8.11 -18.79
CA ALA B 295 7.49 8.20 -19.89
C ALA B 295 7.62 9.53 -20.61
N ILE B 296 7.77 10.61 -19.84
CA ILE B 296 7.91 11.94 -20.44
C ILE B 296 9.17 12.03 -21.30
N LEU B 297 10.27 11.50 -20.77
CA LEU B 297 11.54 11.52 -21.49
C LEU B 297 11.53 10.67 -22.75
N GLU B 298 10.92 9.49 -22.67
CA GLU B 298 10.83 8.62 -23.83
C GLU B 298 10.07 9.33 -24.93
N PHE B 299 8.97 9.97 -24.53
CA PHE B 299 8.09 10.70 -25.43
C PHE B 299 8.84 11.87 -26.07
N ALA B 300 9.59 12.60 -25.26
CA ALA B 300 10.36 13.75 -25.74
C ALA B 300 11.41 13.28 -26.74
N GLU B 301 12.14 12.23 -26.39
CA GLU B 301 13.16 11.69 -27.27
C GLU B 301 12.50 11.30 -28.60
N LYS B 302 11.40 10.56 -28.51
CA LYS B 302 10.67 10.12 -29.70
C LYS B 302 10.23 11.30 -30.54
N GLU B 303 9.75 12.36 -29.89
CA GLU B 303 9.27 13.54 -30.59
C GLU B 303 10.38 14.45 -31.10
N GLY B 304 11.63 14.08 -30.84
CA GLY B 304 12.75 14.89 -31.29
C GLY B 304 12.89 16.18 -30.51
N MET B 305 12.61 16.13 -29.22
CA MET B 305 12.70 17.29 -28.34
C MET B 305 14.02 17.41 -27.61
N VAL B 306 14.80 16.32 -27.54
CA VAL B 306 16.05 16.37 -26.78
C VAL B 306 17.36 16.20 -27.54
N SER B 307 18.39 15.84 -26.78
CA SER B 307 19.77 15.62 -27.26
C SER B 307 20.53 14.92 -26.13
N ALA B 308 21.26 13.86 -26.45
CA ALA B 308 22.00 13.12 -25.43
C ALA B 308 23.51 13.36 -25.46
N HIS B 309 24.23 12.64 -24.60
CA HIS B 309 25.68 12.73 -24.51
C HIS B 309 26.36 11.46 -25.01
C23 A89 C . -3.44 3.81 22.41
C24 A89 C . -3.49 4.15 23.72
C25 A89 C . -4.60 3.92 24.51
C26 A89 C . -4.66 4.25 25.84
C27 A89 C . -3.53 4.85 26.40
C28 A89 C . -2.41 5.08 25.64
C29 A89 C . -2.39 4.74 24.31
C30 A89 C . -5.93 3.95 26.61
O7 A89 C . -3.63 4.63 21.54
BR A89 C . -3.42 5.37 28.23
N1 A89 C . -3.20 2.54 21.96
C9 A89 C . -3.06 2.01 20.60
C10 A89 C . -4.26 1.09 20.31
O4 A89 C . -4.86 1.17 19.26
C8 A89 C . -1.65 1.34 20.54
C5 A89 C . -1.36 0.71 19.20
C6 A89 C . -0.88 1.46 18.15
C4 A89 C . -1.59 -0.65 18.99
C7 A89 C . -0.64 0.87 16.92
C3 A89 C . -1.34 -1.22 17.77
C2 A89 C . -0.86 -0.48 16.72
C1 A89 C . -0.61 -1.13 15.37
F1 A89 C . -0.82 -0.25 14.35
F2 A89 C . -1.43 -2.20 15.14
P1 A89 C . 1.14 -1.74 15.16
O2 A89 C . 2.12 -0.62 15.16
O1 A89 C . 1.47 -2.75 16.38
O3 A89 C . 1.21 -2.51 13.76
N2 A89 C . -4.56 0.20 21.30
N4 A89 C . -4.53 -3.81 24.64
C11 A89 C . -5.08 -1.18 21.10
C12 A89 C . -6.59 -1.17 20.82
C13 A89 C . -4.76 -1.96 22.39
C14 A89 C . -4.28 -3.41 22.20
C15 A89 C . -4.86 -4.33 23.31
C16 A89 C . -5.27 -3.84 25.80
C17 A89 C . -4.85 -4.21 27.07
C18 A89 C . -4.01 -3.36 27.76
C19 A89 C . -3.56 -3.66 29.04
C20 A89 C . -3.95 -4.83 29.65
C21 A89 C . -4.79 -5.69 28.97
C22 A89 C . -5.24 -5.37 27.70
O5 A89 C . -7.12 -1.67 19.86
O6 A89 C . -6.42 -3.48 25.65
I A89 C . -5.42 -7.53 29.90
N3 A89 C . -7.35 -0.53 21.76
#